data_1HEX
#
_entry.id   1HEX
#
_cell.length_a   105.100
_cell.length_b   105.100
_cell.length_c   190.400
_cell.angle_alpha   90.00
_cell.angle_beta   90.00
_cell.angle_gamma   120.00
#
_symmetry.space_group_name_H-M   'P 61 2 2'
#
loop_
_entity.id
_entity.type
_entity.pdbx_description
1 polymer '3-ISOPROPYLMALATE DEHYDROGENASE'
2 non-polymer NICOTINAMIDE-ADENINE-DINUCLEOTIDE
3 water water
#
_entity_poly.entity_id   1
_entity_poly.type   'polypeptide(L)'
_entity_poly.pdbx_seq_one_letter_code
;MKVAVLPGDGIGPEVTEAALKVLRALDEAEGLGLAYEVFPFGGAAIDAFGEPFPEPTRKGVEEAEAVLLGSVGGPKWDGL
PRKIRPETGLLSLRKSQDLFANLRPAKVFPGLERLSPLKEEIARGVDVLIVRELTGGIYFGEPRGMSEAEAWNTERYSKP
EVERVARVAFEAARKRRKHVVSVDKANVLEVGEFWRKTVEEVGRGYPDVALEHQYVDAMAMHLVRSPARFDVVVTGNIFG
DILSDLASVLPGSLGLLPSASLGRGTPVFEPVHGSAPDIAGKGIANPTAAILSAAMMLEHAFGLVELARKVEDAVAKALL
ETPPPDLGGSAGTEAFTATVLRHLA
;
_entity_poly.pdbx_strand_id   A
#
# COMPACT_ATOMS: atom_id res chain seq x y z
N MET A 1 -16.31 -7.61 -11.14
CA MET A 1 -15.09 -7.77 -10.39
C MET A 1 -14.15 -8.77 -11.06
N LYS A 2 -13.34 -8.26 -11.98
CA LYS A 2 -12.38 -9.12 -12.63
C LYS A 2 -11.03 -8.72 -12.05
N VAL A 3 -10.46 -9.66 -11.31
CA VAL A 3 -9.19 -9.50 -10.62
C VAL A 3 -8.10 -10.37 -11.25
N ALA A 4 -6.90 -9.86 -11.48
CA ALA A 4 -5.79 -10.71 -11.89
C ALA A 4 -5.08 -10.95 -10.57
N VAL A 5 -4.69 -12.20 -10.25
CA VAL A 5 -4.08 -12.50 -8.96
C VAL A 5 -2.66 -12.97 -9.19
N LEU A 6 -1.67 -12.13 -8.87
CA LEU A 6 -0.28 -12.50 -9.09
C LEU A 6 0.41 -12.88 -7.78
N PRO A 7 0.34 -14.14 -7.30
CA PRO A 7 0.83 -14.51 -5.98
C PRO A 7 2.35 -14.42 -5.74
N GLY A 8 3.14 -14.44 -6.82
CA GLY A 8 4.59 -14.32 -6.71
C GLY A 8 5.26 -15.44 -5.92
N ASP A 9 6.44 -15.09 -5.39
CA ASP A 9 7.27 -16.00 -4.62
C ASP A 9 7.06 -16.01 -3.12
N GLY A 10 7.86 -16.85 -2.43
CA GLY A 10 7.91 -17.01 -0.97
C GLY A 10 6.58 -17.32 -0.32
N ILE A 11 6.24 -16.49 0.67
CA ILE A 11 4.97 -16.58 1.35
C ILE A 11 3.85 -15.93 0.53
N GLY A 12 4.19 -15.34 -0.62
CA GLY A 12 3.26 -14.69 -1.52
C GLY A 12 2.04 -15.54 -1.86
N PRO A 13 2.14 -16.78 -2.39
CA PRO A 13 1.01 -17.69 -2.55
C PRO A 13 0.25 -17.95 -1.27
N GLU A 14 0.99 -18.11 -0.16
CA GLU A 14 0.40 -18.41 1.15
C GLU A 14 -0.60 -17.41 1.67
N VAL A 15 -0.19 -16.13 1.66
CA VAL A 15 -1.02 -15.03 2.13
C VAL A 15 -2.03 -14.62 1.07
N THR A 16 -1.72 -14.81 -0.23
CA THR A 16 -2.69 -14.51 -1.29
C THR A 16 -3.84 -15.51 -1.27
N GLU A 17 -3.61 -16.80 -0.96
CA GLU A 17 -4.70 -17.77 -0.91
C GLU A 17 -5.66 -17.47 0.22
N ALA A 18 -5.10 -16.89 1.29
CA ALA A 18 -5.88 -16.44 2.42
C ALA A 18 -6.74 -15.25 2.04
N ALA A 19 -6.20 -14.31 1.26
CA ALA A 19 -6.96 -13.14 0.83
C ALA A 19 -8.08 -13.61 -0.08
N LEU A 20 -7.77 -14.61 -0.97
CA LEU A 20 -8.74 -15.25 -1.88
C LEU A 20 -9.84 -16.00 -1.14
N LYS A 21 -9.52 -16.79 -0.11
CA LYS A 21 -10.55 -17.38 0.72
C LYS A 21 -11.50 -16.32 1.32
N VAL A 22 -11.03 -15.12 1.73
CA VAL A 22 -11.92 -14.07 2.26
C VAL A 22 -12.75 -13.50 1.12
N LEU A 23 -12.16 -13.22 -0.06
CA LEU A 23 -12.90 -12.67 -1.18
C LEU A 23 -13.99 -13.58 -1.73
N ARG A 24 -13.70 -14.90 -1.73
CA ARG A 24 -14.65 -15.90 -2.17
C ARG A 24 -15.79 -16.04 -1.21
N ALA A 25 -15.54 -16.07 0.10
CA ALA A 25 -16.63 -16.18 1.06
C ALA A 25 -17.57 -14.98 1.04
N LEU A 26 -16.98 -13.84 0.69
CA LEU A 26 -17.66 -12.56 0.65
C LEU A 26 -18.51 -12.42 -0.59
N ASP A 27 -18.02 -13.07 -1.65
CA ASP A 27 -18.71 -13.14 -2.92
C ASP A 27 -19.94 -14.04 -2.79
N GLU A 28 -19.96 -15.00 -1.86
CA GLU A 28 -21.11 -15.85 -1.64
C GLU A 28 -22.16 -15.04 -0.90
N ALA A 29 -21.89 -14.58 0.33
CA ALA A 29 -22.84 -13.82 1.13
C ALA A 29 -23.44 -12.54 0.55
N GLU A 30 -22.68 -11.93 -0.36
CA GLU A 30 -23.07 -10.68 -0.94
C GLU A 30 -23.36 -10.74 -2.41
N GLY A 31 -22.84 -11.79 -3.05
CA GLY A 31 -23.02 -11.93 -4.47
C GLY A 31 -22.32 -10.79 -5.19
N LEU A 32 -20.99 -10.82 -5.19
CA LEU A 32 -20.19 -9.91 -6.00
C LEU A 32 -20.14 -10.62 -7.36
N GLY A 33 -19.40 -10.15 -8.34
CA GLY A 33 -19.28 -10.96 -9.54
C GLY A 33 -17.85 -11.37 -9.58
N LEU A 34 -17.31 -11.90 -8.48
CA LEU A 34 -15.88 -12.16 -8.47
C LEU A 34 -15.51 -13.22 -9.49
N ALA A 35 -14.62 -12.75 -10.35
CA ALA A 35 -14.07 -13.56 -11.41
C ALA A 35 -12.58 -13.28 -11.35
N TYR A 36 -11.75 -14.26 -11.03
CA TYR A 36 -10.33 -13.99 -10.93
C TYR A 36 -9.48 -15.02 -11.64
N GLU A 37 -8.30 -14.61 -12.10
CA GLU A 37 -7.42 -15.51 -12.82
C GLU A 37 -6.06 -15.44 -12.17
N VAL A 38 -5.40 -16.56 -11.88
CA VAL A 38 -4.09 -16.53 -11.26
C VAL A 38 -3.01 -16.51 -12.33
N PHE A 39 -2.01 -15.65 -12.23
CA PHE A 39 -0.97 -15.54 -13.25
C PHE A 39 0.40 -15.79 -12.72
N PRO A 40 1.38 -16.12 -13.56
CA PRO A 40 2.80 -16.18 -13.17
C PRO A 40 3.46 -14.82 -13.07
N PHE A 41 3.90 -14.49 -11.86
CA PHE A 41 4.56 -13.23 -11.68
C PHE A 41 5.82 -13.42 -10.86
N GLY A 42 6.83 -12.70 -11.37
CA GLY A 42 8.21 -12.61 -10.91
C GLY A 42 8.83 -13.82 -10.25
N GLY A 43 9.94 -14.42 -10.66
CA GLY A 43 10.52 -15.53 -9.92
C GLY A 43 9.88 -16.87 -10.24
N ALA A 44 8.57 -16.97 -10.12
CA ALA A 44 7.80 -18.13 -10.55
C ALA A 44 7.61 -18.18 -12.05
N ALA A 45 7.69 -16.97 -12.64
CA ALA A 45 7.63 -16.75 -14.06
C ALA A 45 9.04 -16.74 -14.62
N ILE A 46 10.10 -16.31 -13.91
CA ILE A 46 11.46 -16.45 -14.43
C ILE A 46 11.71 -17.93 -14.64
N ASP A 47 11.16 -18.78 -13.79
CA ASP A 47 11.33 -20.20 -13.95
C ASP A 47 10.50 -20.66 -15.12
N ALA A 48 9.19 -20.44 -15.17
CA ALA A 48 8.41 -20.96 -16.28
C ALA A 48 8.63 -20.29 -17.61
N PHE A 49 8.55 -18.97 -17.63
CA PHE A 49 8.71 -18.18 -18.84
C PHE A 49 10.06 -17.50 -19.01
N GLY A 50 11.07 -17.75 -18.17
CA GLY A 50 12.39 -17.14 -18.34
C GLY A 50 12.44 -15.62 -18.15
N GLU A 51 11.36 -15.01 -17.63
CA GLU A 51 11.25 -13.56 -17.48
C GLU A 51 10.12 -13.14 -16.53
N PRO A 52 10.31 -12.18 -15.60
CA PRO A 52 9.43 -11.91 -14.46
C PRO A 52 8.02 -11.39 -14.73
N PHE A 53 7.79 -10.65 -15.82
CA PHE A 53 6.45 -10.13 -16.11
C PHE A 53 6.09 -10.65 -17.50
N PRO A 54 5.87 -11.96 -17.69
CA PRO A 54 5.61 -12.58 -18.98
C PRO A 54 4.38 -12.05 -19.68
N GLU A 55 4.34 -12.25 -20.99
CA GLU A 55 3.27 -11.75 -21.85
C GLU A 55 1.85 -12.16 -21.47
N PRO A 56 1.52 -13.39 -21.00
CA PRO A 56 0.18 -13.75 -20.51
C PRO A 56 -0.32 -12.95 -19.30
N THR A 57 0.66 -12.72 -18.41
CA THR A 57 0.48 -11.97 -17.17
C THR A 57 0.15 -10.52 -17.52
N ARG A 58 0.94 -9.94 -18.43
CA ARG A 58 0.77 -8.58 -18.93
C ARG A 58 -0.61 -8.37 -19.54
N LYS A 59 -1.10 -9.37 -20.29
CA LYS A 59 -2.40 -9.27 -20.89
C LYS A 59 -3.49 -9.35 -19.86
N GLY A 60 -3.27 -10.21 -18.85
CA GLY A 60 -4.22 -10.46 -17.76
C GLY A 60 -4.44 -9.28 -16.82
N VAL A 61 -3.31 -8.58 -16.57
CA VAL A 61 -3.28 -7.36 -15.79
C VAL A 61 -4.07 -6.26 -16.51
N GLU A 62 -3.81 -6.20 -17.84
CA GLU A 62 -4.42 -5.24 -18.72
C GLU A 62 -5.92 -5.44 -18.88
N GLU A 63 -6.35 -6.71 -18.89
CA GLU A 63 -7.76 -7.05 -18.98
C GLU A 63 -8.54 -7.01 -17.66
N ALA A 64 -7.87 -7.14 -16.50
CA ALA A 64 -8.56 -7.09 -15.21
C ALA A 64 -8.88 -5.70 -14.72
N GLU A 65 -9.91 -5.62 -13.90
CA GLU A 65 -10.31 -4.39 -13.22
C GLU A 65 -9.42 -4.02 -12.03
N ALA A 66 -8.67 -4.98 -11.47
CA ALA A 66 -7.75 -4.76 -10.37
C ALA A 66 -6.78 -5.93 -10.26
N VAL A 67 -5.59 -5.66 -9.70
CA VAL A 67 -4.59 -6.67 -9.43
C VAL A 67 -4.41 -6.83 -7.92
N LEU A 68 -4.30 -8.09 -7.51
CA LEU A 68 -4.04 -8.45 -6.14
C LEU A 68 -2.74 -9.23 -6.23
N LEU A 69 -1.67 -8.55 -5.86
CA LEU A 69 -0.32 -9.10 -5.91
C LEU A 69 0.01 -9.68 -4.54
N GLY A 70 0.97 -10.58 -4.54
CA GLY A 70 1.47 -11.16 -3.31
C GLY A 70 2.87 -10.62 -3.09
N SER A 71 3.89 -11.44 -3.26
CA SER A 71 5.25 -11.01 -2.96
C SER A 71 6.23 -11.60 -3.95
N VAL A 72 7.18 -10.81 -4.44
CA VAL A 72 8.21 -11.30 -5.32
C VAL A 72 9.59 -11.15 -4.67
N GLY A 73 10.49 -11.94 -5.23
CA GLY A 73 11.85 -11.90 -4.80
C GLY A 73 12.29 -13.19 -4.17
N GLY A 74 13.60 -13.31 -4.11
CA GLY A 74 14.11 -14.51 -3.52
C GLY A 74 15.52 -14.80 -3.99
N PRO A 75 16.23 -15.52 -3.10
CA PRO A 75 17.62 -15.99 -3.27
C PRO A 75 17.88 -16.65 -4.62
N LYS A 76 16.90 -17.52 -4.99
CA LYS A 76 16.90 -18.29 -6.23
C LYS A 76 17.09 -17.39 -7.45
N TRP A 77 16.79 -16.08 -7.30
CA TRP A 77 16.88 -15.22 -8.46
C TRP A 77 17.63 -13.94 -8.09
N ASP A 78 18.52 -14.02 -7.08
CA ASP A 78 19.06 -12.75 -6.65
C ASP A 78 20.22 -12.19 -7.43
N GLY A 79 21.15 -13.12 -7.67
CA GLY A 79 22.26 -12.77 -8.51
C GLY A 79 21.73 -13.10 -9.90
N LEU A 80 20.98 -12.15 -10.47
CA LEU A 80 20.70 -12.35 -11.87
C LEU A 80 21.08 -11.07 -12.60
N PRO A 81 20.88 -10.93 -13.93
CA PRO A 81 20.87 -9.63 -14.60
C PRO A 81 19.69 -8.81 -14.16
N ARG A 82 20.05 -7.56 -13.78
CA ARG A 82 19.07 -6.57 -13.31
C ARG A 82 17.87 -6.39 -14.26
N LYS A 83 17.99 -6.78 -15.53
CA LYS A 83 16.91 -6.68 -16.51
C LYS A 83 15.77 -7.66 -16.23
N ILE A 84 16.18 -8.87 -15.88
CA ILE A 84 15.25 -9.96 -15.71
C ILE A 84 14.91 -10.30 -14.24
N ARG A 85 15.34 -9.54 -13.22
CA ARG A 85 15.02 -9.87 -11.82
C ARG A 85 13.54 -9.77 -11.47
N PRO A 86 12.97 -10.57 -10.54
CA PRO A 86 11.54 -10.58 -10.15
C PRO A 86 10.93 -9.24 -9.73
N GLU A 87 11.95 -8.60 -9.21
CA GLU A 87 11.97 -7.37 -8.48
C GLU A 87 11.89 -6.22 -9.47
N THR A 88 12.51 -6.30 -10.66
CA THR A 88 12.36 -5.23 -11.63
C THR A 88 11.04 -5.35 -12.38
N GLY A 89 10.52 -6.59 -12.49
CA GLY A 89 9.21 -6.86 -13.10
C GLY A 89 8.07 -6.22 -12.30
N LEU A 90 8.37 -5.88 -11.04
CA LEU A 90 7.44 -5.21 -10.15
C LEU A 90 7.38 -3.73 -10.50
N LEU A 91 8.53 -3.15 -10.89
CA LEU A 91 8.61 -1.77 -11.35
C LEU A 91 7.88 -1.70 -12.67
N SER A 92 8.14 -2.66 -13.57
CA SER A 92 7.47 -2.77 -14.86
C SER A 92 5.95 -2.87 -14.74
N LEU A 93 5.43 -3.55 -13.71
CA LEU A 93 4.00 -3.64 -13.51
C LEU A 93 3.41 -2.27 -13.17
N ARG A 94 4.07 -1.50 -12.30
CA ARG A 94 3.52 -0.22 -11.91
C ARG A 94 3.68 0.75 -13.06
N LYS A 95 4.82 0.68 -13.76
CA LYS A 95 5.13 1.63 -14.81
C LYS A 95 4.23 1.42 -16.00
N SER A 96 3.93 0.16 -16.32
CA SER A 96 3.03 -0.13 -17.42
C SER A 96 1.61 0.36 -17.15
N GLN A 97 1.23 0.48 -15.88
CA GLN A 97 -0.09 0.91 -15.58
C GLN A 97 -0.19 2.38 -15.25
N ASP A 98 0.90 3.17 -15.31
CA ASP A 98 0.90 4.61 -15.00
C ASP A 98 0.32 4.83 -13.61
N LEU A 99 0.93 4.19 -12.61
CA LEU A 99 0.46 4.33 -11.24
C LEU A 99 1.30 5.43 -10.63
N PHE A 100 0.62 6.49 -10.21
CA PHE A 100 1.26 7.68 -9.68
C PHE A 100 0.98 8.01 -8.23
N ALA A 101 0.05 7.31 -7.59
CA ALA A 101 -0.21 7.52 -6.18
C ALA A 101 -0.04 6.20 -5.43
N ASN A 102 0.81 6.20 -4.40
CA ASN A 102 0.95 5.03 -3.55
C ASN A 102 0.25 5.26 -2.22
N LEU A 103 -0.76 4.45 -1.90
CA LEU A 103 -1.49 4.54 -0.64
C LEU A 103 -1.06 3.53 0.41
N ARG A 104 -0.54 3.98 1.54
CA ARG A 104 -0.02 3.10 2.59
C ARG A 104 -0.59 3.48 3.95
N PRO A 105 -1.58 2.75 4.46
CA PRO A 105 -2.17 3.03 5.76
C PRO A 105 -1.41 2.44 6.94
N ALA A 106 -1.38 3.10 8.09
CA ALA A 106 -0.77 2.56 9.28
C ALA A 106 -1.86 2.64 10.33
N LYS A 107 -2.31 1.49 10.82
CA LYS A 107 -3.38 1.42 11.80
C LYS A 107 -3.00 0.58 13.00
N VAL A 108 -3.28 1.13 14.19
CA VAL A 108 -3.11 0.42 15.46
C VAL A 108 -4.51 -0.04 15.83
N PHE A 109 -4.81 -1.33 15.56
CA PHE A 109 -6.11 -1.90 15.89
C PHE A 109 -6.29 -1.90 17.39
N PRO A 110 -7.54 -1.79 17.85
CA PRO A 110 -7.87 -1.77 19.26
C PRO A 110 -7.31 -2.99 19.96
N GLY A 111 -6.64 -2.78 21.09
CA GLY A 111 -6.09 -3.91 21.81
C GLY A 111 -4.71 -4.27 21.34
N LEU A 112 -4.27 -3.72 20.20
CA LEU A 112 -2.95 -4.02 19.70
C LEU A 112 -1.90 -2.93 19.94
N GLU A 113 -2.15 -1.99 20.86
CA GLU A 113 -1.26 -0.89 21.22
C GLU A 113 0.07 -1.30 21.84
N ARG A 114 0.01 -2.50 22.41
CA ARG A 114 1.12 -3.08 23.09
C ARG A 114 2.21 -3.34 22.10
N LEU A 115 1.87 -3.53 20.82
CA LEU A 115 2.88 -3.78 19.81
C LEU A 115 3.55 -2.52 19.30
N SER A 116 2.92 -1.33 19.46
CA SER A 116 3.47 -0.10 18.92
C SER A 116 4.73 0.28 19.65
N PRO A 117 5.77 0.84 19.03
CA PRO A 117 6.94 1.36 19.75
C PRO A 117 6.59 2.55 20.64
N LEU A 118 5.44 3.14 20.36
CA LEU A 118 4.95 4.26 21.13
C LEU A 118 4.14 3.82 22.34
N LYS A 119 4.15 4.61 23.44
CA LYS A 119 3.30 4.38 24.60
C LYS A 119 1.82 4.20 24.27
N GLU A 120 1.11 3.26 24.91
CA GLU A 120 -0.29 2.92 24.67
C GLU A 120 -1.20 4.11 24.42
N GLU A 121 -1.01 5.16 25.23
CA GLU A 121 -1.84 6.33 25.14
C GLU A 121 -1.69 7.03 23.80
N ILE A 122 -0.47 7.10 23.23
CA ILE A 122 -0.19 7.76 21.97
C ILE A 122 -0.51 6.87 20.80
N ALA A 123 -0.33 5.56 20.95
CA ALA A 123 -0.57 4.59 19.89
C ALA A 123 -2.04 4.34 19.62
N ARG A 124 -2.86 4.58 20.66
CA ARG A 124 -4.28 4.38 20.64
C ARG A 124 -5.01 5.25 19.62
N GLY A 125 -5.71 4.57 18.72
CA GLY A 125 -6.49 5.24 17.71
C GLY A 125 -5.74 5.65 16.44
N VAL A 126 -4.45 5.34 16.25
CA VAL A 126 -3.77 5.69 15.01
C VAL A 126 -4.37 4.94 13.85
N ASP A 127 -4.73 5.71 12.84
CA ASP A 127 -5.29 5.19 11.59
C ASP A 127 -5.06 6.25 10.51
N VAL A 128 -3.82 6.27 10.00
CA VAL A 128 -3.40 7.29 9.05
C VAL A 128 -3.12 6.71 7.67
N LEU A 129 -3.49 7.39 6.58
CA LEU A 129 -3.25 6.94 5.24
C LEU A 129 -2.31 7.94 4.60
N ILE A 130 -1.07 7.53 4.27
CA ILE A 130 -0.07 8.34 3.59
C ILE A 130 -0.21 8.13 2.08
N VAL A 131 -0.46 9.20 1.32
CA VAL A 131 -0.55 9.17 -0.13
C VAL A 131 0.70 9.91 -0.59
N ARG A 132 1.45 9.07 -1.27
CA ARG A 132 2.76 9.42 -1.79
C ARG A 132 2.70 9.56 -3.31
N GLU A 133 3.21 10.67 -3.86
CA GLU A 133 3.37 10.80 -5.30
C GLU A 133 4.55 9.90 -5.75
N LEU A 134 4.32 9.10 -6.78
CA LEU A 134 5.28 8.13 -7.26
C LEU A 134 6.07 8.44 -8.53
N THR A 135 5.56 9.30 -9.40
CA THR A 135 6.17 9.46 -10.72
C THR A 135 7.09 10.64 -10.94
N GLY A 136 7.09 11.62 -10.06
CA GLY A 136 7.90 12.81 -10.26
C GLY A 136 8.83 13.15 -9.10
N GLY A 137 9.17 14.44 -9.03
CA GLY A 137 10.07 14.94 -8.02
C GLY A 137 11.51 14.54 -8.31
N ILE A 138 12.38 14.75 -7.31
CA ILE A 138 13.83 14.57 -7.40
C ILE A 138 14.33 13.20 -7.85
N TYR A 139 13.55 12.13 -7.68
CA TYR A 139 13.99 10.81 -8.07
C TYR A 139 14.03 10.66 -9.56
N PHE A 140 13.29 11.51 -10.27
CA PHE A 140 13.25 11.46 -11.72
C PHE A 140 13.69 12.75 -12.40
N GLY A 141 13.71 13.85 -11.64
CA GLY A 141 14.13 15.17 -12.11
C GLY A 141 15.46 15.22 -12.83
N GLU A 142 15.43 16.11 -13.79
CA GLU A 142 16.56 16.42 -14.64
C GLU A 142 16.67 17.92 -14.51
N PRO A 143 17.87 18.51 -14.51
CA PRO A 143 19.17 17.84 -14.61
C PRO A 143 19.66 17.16 -13.33
N ARG A 144 20.39 16.10 -13.57
CA ARG A 144 21.00 15.35 -12.50
C ARG A 144 22.39 15.01 -12.97
N GLY A 145 23.32 14.71 -12.06
CA GLY A 145 24.65 14.30 -12.45
C GLY A 145 25.64 14.41 -11.32
N MET A 146 26.83 13.96 -11.67
CA MET A 146 27.94 13.86 -10.76
C MET A 146 29.29 14.07 -11.47
N SER A 147 30.04 15.09 -11.05
CA SER A 147 31.38 15.27 -11.54
C SER A 147 32.36 14.77 -10.48
N GLU A 148 33.61 15.23 -10.49
CA GLU A 148 34.54 14.85 -9.44
C GLU A 148 34.48 15.85 -8.28
N ALA A 149 34.03 17.07 -8.58
CA ALA A 149 33.97 18.09 -7.56
C ALA A 149 32.60 18.26 -6.97
N GLU A 150 31.53 17.78 -7.62
CA GLU A 150 30.17 17.96 -7.13
C GLU A 150 29.10 17.09 -7.78
N ALA A 151 27.91 17.13 -7.18
CA ALA A 151 26.75 16.42 -7.69
C ALA A 151 25.49 17.29 -7.51
N TRP A 152 24.48 16.99 -8.37
CA TRP A 152 23.23 17.75 -8.43
C TRP A 152 22.10 16.81 -8.82
N ASN A 153 20.91 17.13 -8.31
CA ASN A 153 19.69 16.40 -8.65
C ASN A 153 18.59 17.44 -8.50
N THR A 154 17.53 17.32 -9.31
CA THR A 154 16.49 18.32 -9.36
C THR A 154 15.14 17.81 -8.90
N GLU A 155 14.62 18.51 -7.89
CA GLU A 155 13.25 18.33 -7.40
C GLU A 155 12.35 19.19 -8.26
N ARG A 156 11.61 18.56 -9.15
CA ARG A 156 10.77 19.31 -10.05
C ARG A 156 9.38 18.72 -10.09
N TYR A 157 8.36 19.59 -10.05
CA TYR A 157 6.97 19.20 -10.19
C TYR A 157 6.22 20.08 -11.17
N SER A 158 5.42 19.43 -12.02
CA SER A 158 4.49 20.16 -12.88
C SER A 158 3.08 20.16 -12.27
N LYS A 159 2.27 21.15 -12.66
CA LYS A 159 0.93 21.35 -12.15
C LYS A 159 0.05 20.11 -12.30
N PRO A 160 -0.11 19.38 -13.39
CA PRO A 160 -0.92 18.18 -13.44
C PRO A 160 -0.44 17.03 -12.59
N GLU A 161 0.85 16.99 -12.25
CA GLU A 161 1.39 15.92 -11.41
C GLU A 161 0.88 16.03 -9.99
N VAL A 162 0.98 17.26 -9.46
CA VAL A 162 0.49 17.57 -8.15
C VAL A 162 -1.04 17.42 -8.10
N GLU A 163 -1.77 17.97 -9.10
CA GLU A 163 -3.23 17.95 -9.11
C GLU A 163 -3.79 16.57 -9.08
N ARG A 164 -3.16 15.65 -9.79
CA ARG A 164 -3.75 14.35 -9.82
C ARG A 164 -3.51 13.50 -8.59
N VAL A 165 -2.34 13.63 -7.91
CA VAL A 165 -2.11 12.88 -6.69
C VAL A 165 -2.96 13.52 -5.61
N ALA A 166 -3.15 14.84 -5.61
CA ALA A 166 -3.98 15.49 -4.62
C ALA A 166 -5.44 15.10 -4.82
N ARG A 167 -5.90 14.80 -6.05
CA ARG A 167 -7.27 14.36 -6.22
C ARG A 167 -7.48 13.01 -5.58
N VAL A 168 -6.56 12.04 -5.75
CA VAL A 168 -6.63 10.75 -5.07
C VAL A 168 -6.73 10.94 -3.54
N ALA A 169 -5.98 11.88 -2.95
CA ALA A 169 -6.06 12.15 -1.52
C ALA A 169 -7.41 12.69 -1.10
N PHE A 170 -7.99 13.65 -1.83
CA PHE A 170 -9.30 14.19 -1.51
C PHE A 170 -10.43 13.15 -1.61
N GLU A 171 -10.35 12.32 -2.66
CA GLU A 171 -11.30 11.24 -2.84
C GLU A 171 -11.18 10.16 -1.78
N ALA A 172 -9.94 9.81 -1.36
CA ALA A 172 -9.68 8.82 -0.32
C ALA A 172 -10.23 9.30 1.02
N ALA A 173 -9.99 10.57 1.32
CA ALA A 173 -10.45 11.22 2.52
C ALA A 173 -11.94 11.27 2.66
N ARG A 174 -12.65 11.31 1.54
CA ARG A 174 -14.11 11.29 1.56
C ARG A 174 -14.67 10.01 2.14
N LYS A 175 -14.02 8.88 1.86
CA LYS A 175 -14.46 7.58 2.34
C LYS A 175 -14.04 7.34 3.77
N ARG A 176 -13.24 8.24 4.34
CA ARG A 176 -12.64 8.11 5.64
C ARG A 176 -13.10 9.22 6.59
N ARG A 177 -12.25 10.05 7.21
CA ARG A 177 -12.73 11.06 8.15
C ARG A 177 -12.71 12.46 7.58
N LYS A 178 -12.66 12.62 6.25
CA LYS A 178 -12.63 13.92 5.55
C LYS A 178 -11.61 14.97 5.99
N HIS A 179 -10.39 14.54 6.29
CA HIS A 179 -9.35 15.48 6.66
C HIS A 179 -8.08 15.06 5.94
N VAL A 180 -7.50 16.03 5.22
CA VAL A 180 -6.30 15.91 4.41
C VAL A 180 -5.29 16.94 4.96
N VAL A 181 -4.06 16.45 5.22
CA VAL A 181 -2.91 17.27 5.56
C VAL A 181 -2.00 17.17 4.33
N SER A 182 -1.53 18.29 3.76
CA SER A 182 -0.64 18.24 2.63
C SER A 182 0.70 18.61 3.16
N VAL A 183 1.76 17.90 2.79
CA VAL A 183 3.06 18.13 3.38
C VAL A 183 4.07 18.67 2.39
N ASP A 184 4.78 19.72 2.77
CA ASP A 184 5.68 20.39 1.85
C ASP A 184 6.81 21.05 2.60
N LYS A 185 7.69 21.72 1.89
CA LYS A 185 8.67 22.55 2.57
C LYS A 185 8.50 23.96 1.99
N ALA A 186 7.28 24.53 2.08
CA ALA A 186 6.98 25.80 1.42
C ALA A 186 7.59 27.06 1.98
N ASN A 187 8.13 27.05 3.19
CA ASN A 187 8.78 28.22 3.72
C ASN A 187 10.24 28.33 3.27
N VAL A 188 10.74 27.46 2.42
CA VAL A 188 12.12 27.54 1.99
C VAL A 188 12.19 27.23 0.51
N LEU A 189 11.34 26.36 -0.01
CA LEU A 189 11.45 25.89 -1.38
C LEU A 189 10.29 26.30 -2.25
N GLU A 190 10.61 26.76 -3.48
CA GLU A 190 9.59 27.21 -4.41
C GLU A 190 8.76 26.02 -4.85
N VAL A 191 9.30 24.79 -4.91
CA VAL A 191 8.51 23.61 -5.26
C VAL A 191 7.46 23.40 -4.16
N GLY A 192 7.83 23.72 -2.91
CA GLY A 192 6.91 23.66 -1.78
C GLY A 192 5.79 24.67 -1.92
N GLU A 193 6.13 25.94 -2.18
CA GLU A 193 5.14 26.96 -2.46
C GLU A 193 4.20 26.57 -3.58
N PHE A 194 4.74 25.99 -4.65
CA PHE A 194 3.96 25.56 -5.78
C PHE A 194 2.99 24.45 -5.39
N TRP A 195 3.48 23.44 -4.63
CA TRP A 195 2.75 22.26 -4.19
C TRP A 195 1.59 22.76 -3.36
N ARG A 196 1.87 23.56 -2.33
CA ARG A 196 0.82 24.07 -1.46
C ARG A 196 -0.29 24.83 -2.18
N LYS A 197 0.17 25.68 -3.09
CA LYS A 197 -0.65 26.50 -3.96
C LYS A 197 -1.59 25.62 -4.77
N THR A 198 -1.11 24.53 -5.37
CA THR A 198 -1.94 23.68 -6.22
C THR A 198 -2.92 22.78 -5.52
N VAL A 199 -2.50 22.22 -4.38
CA VAL A 199 -3.39 21.39 -3.58
C VAL A 199 -4.52 22.24 -3.00
N GLU A 200 -4.22 23.47 -2.57
CA GLU A 200 -5.21 24.41 -2.06
C GLU A 200 -6.37 24.67 -3.04
N GLU A 201 -5.99 24.89 -4.31
CA GLU A 201 -6.92 25.08 -5.39
C GLU A 201 -7.67 23.79 -5.66
N VAL A 202 -7.02 22.59 -5.61
CA VAL A 202 -7.71 21.30 -5.81
C VAL A 202 -8.75 21.06 -4.74
N GLY A 203 -8.39 21.51 -3.55
CA GLY A 203 -9.24 21.44 -2.38
C GLY A 203 -10.54 22.18 -2.57
N ARG A 204 -10.58 23.27 -3.34
CA ARG A 204 -11.81 23.98 -3.62
C ARG A 204 -12.92 23.14 -4.25
N GLY A 205 -12.63 22.10 -5.03
CA GLY A 205 -13.67 21.25 -5.60
C GLY A 205 -14.12 20.14 -4.66
N TYR A 206 -13.61 20.11 -3.44
CA TYR A 206 -13.93 19.11 -2.43
C TYR A 206 -14.27 19.88 -1.17
N PRO A 207 -15.35 20.66 -1.12
CA PRO A 207 -15.62 21.54 0.00
C PRO A 207 -16.02 20.78 1.25
N ASP A 208 -16.40 19.52 1.12
CA ASP A 208 -16.71 18.71 2.29
C ASP A 208 -15.53 18.14 3.05
N VAL A 209 -14.29 18.26 2.51
CA VAL A 209 -13.06 17.73 3.11
C VAL A 209 -12.17 18.83 3.66
N ALA A 210 -11.72 18.81 4.91
CA ALA A 210 -10.81 19.82 5.43
C ALA A 210 -9.40 19.55 4.98
N LEU A 211 -8.71 20.62 4.65
CA LEU A 211 -7.35 20.61 4.20
C LEU A 211 -6.53 21.48 5.13
N GLU A 212 -5.42 20.96 5.61
CA GLU A 212 -4.48 21.64 6.47
C GLU A 212 -3.13 21.42 5.77
N HIS A 213 -2.13 22.29 5.96
CA HIS A 213 -0.81 22.19 5.35
C HIS A 213 0.23 22.10 6.45
N GLN A 214 1.27 21.30 6.23
CA GLN A 214 2.31 21.13 7.24
C GLN A 214 3.64 20.96 6.57
N TYR A 215 4.68 21.42 7.24
CA TYR A 215 6.05 21.23 6.79
C TYR A 215 6.49 19.84 7.17
N VAL A 216 7.28 19.21 6.31
CA VAL A 216 7.72 17.84 6.48
C VAL A 216 8.49 17.58 7.76
N ASP A 217 9.37 18.49 8.17
CA ASP A 217 10.13 18.32 9.39
C ASP A 217 9.17 18.37 10.57
N ALA A 218 8.11 19.17 10.52
CA ALA A 218 7.10 19.17 11.56
C ALA A 218 6.19 17.96 11.46
N MET A 219 5.91 17.39 10.26
CA MET A 219 5.12 16.17 10.18
C MET A 219 5.85 15.01 10.80
N ALA A 220 7.20 14.92 10.66
CA ALA A 220 7.98 13.84 11.24
C ALA A 220 7.80 13.88 12.74
N MET A 221 7.70 15.06 13.36
CA MET A 221 7.47 15.18 14.78
C MET A 221 6.04 14.86 15.21
N HIS A 222 5.04 15.24 14.43
CA HIS A 222 3.66 14.95 14.75
C HIS A 222 3.28 13.48 14.62
N LEU A 223 3.94 12.76 13.71
CA LEU A 223 3.71 11.35 13.45
C LEU A 223 4.20 10.49 14.62
N VAL A 224 5.12 10.99 15.45
CA VAL A 224 5.53 10.30 16.69
C VAL A 224 4.82 10.86 17.95
N ARG A 225 4.62 12.16 18.12
CA ARG A 225 3.99 12.70 19.30
C ARG A 225 2.49 12.59 19.31
N SER A 226 1.83 12.78 18.18
CA SER A 226 0.38 12.69 18.11
C SER A 226 -0.20 12.15 16.81
N PRO A 227 0.21 10.96 16.35
CA PRO A 227 -0.23 10.42 15.08
C PRO A 227 -1.73 10.18 14.95
N ALA A 228 -2.40 9.99 16.10
CA ALA A 228 -3.82 9.71 16.09
C ALA A 228 -4.70 10.88 15.59
N ARG A 229 -4.16 12.09 15.42
CA ARG A 229 -4.98 13.16 14.94
C ARG A 229 -5.11 13.21 13.44
N PHE A 230 -4.40 12.41 12.67
CA PHE A 230 -4.42 12.54 11.22
C PHE A 230 -5.28 11.49 10.57
N ASP A 231 -5.71 11.77 9.36
CA ASP A 231 -6.52 10.84 8.60
C ASP A 231 -5.76 10.66 7.31
N VAL A 232 -5.86 11.55 6.31
CA VAL A 232 -5.10 11.41 5.07
C VAL A 232 -3.99 12.43 5.04
N VAL A 233 -2.82 12.01 4.55
CA VAL A 233 -1.62 12.82 4.48
C VAL A 233 -1.10 12.68 3.07
N VAL A 234 -1.11 13.73 2.26
CA VAL A 234 -0.61 13.65 0.89
C VAL A 234 0.65 14.49 0.75
N THR A 235 1.65 13.93 0.07
CA THR A 235 2.92 14.63 -0.11
C THR A 235 3.67 14.13 -1.35
N GLY A 236 4.81 14.81 -1.61
CA GLY A 236 5.65 14.53 -2.75
C GLY A 236 6.33 13.19 -2.70
N ASN A 237 7.20 12.86 -3.65
CA ASN A 237 7.83 11.54 -3.70
C ASN A 237 8.89 11.27 -2.62
N ILE A 238 10.00 12.03 -2.50
CA ILE A 238 11.02 11.84 -1.46
C ILE A 238 10.41 11.99 -0.06
N PHE A 239 9.56 12.99 0.18
CA PHE A 239 8.91 13.16 1.48
C PHE A 239 7.92 12.04 1.78
N GLY A 240 7.23 11.52 0.77
CA GLY A 240 6.29 10.42 0.96
C GLY A 240 7.02 9.14 1.24
N ASP A 241 8.22 9.02 0.66
CA ASP A 241 9.05 7.88 0.84
C ASP A 241 9.49 7.81 2.30
N ILE A 242 10.02 8.90 2.90
CA ILE A 242 10.41 8.98 4.31
C ILE A 242 9.18 8.83 5.23
N LEU A 243 8.13 9.64 5.04
CA LEU A 243 7.00 9.60 5.92
C LEU A 243 6.19 8.31 5.90
N SER A 244 6.06 7.59 4.79
CA SER A 244 5.27 6.38 4.89
C SER A 244 6.05 5.27 5.57
N ASP A 245 7.39 5.28 5.54
CA ASP A 245 8.16 4.36 6.34
C ASP A 245 8.13 4.72 7.82
N LEU A 246 8.17 6.01 8.16
CA LEU A 246 8.07 6.42 9.55
C LEU A 246 6.71 5.97 10.09
N ALA A 247 5.58 6.23 9.41
CA ALA A 247 4.30 5.81 9.90
C ALA A 247 4.17 4.28 9.93
N SER A 248 4.91 3.56 9.08
CA SER A 248 4.77 2.12 9.02
C SER A 248 5.36 1.41 10.23
N VAL A 249 6.23 2.04 11.05
CA VAL A 249 6.74 1.43 12.27
C VAL A 249 5.76 1.52 13.42
N LEU A 250 4.82 2.46 13.38
CA LEU A 250 3.83 2.63 14.42
C LEU A 250 2.96 1.40 14.76
N PRO A 251 2.42 0.53 13.89
CA PRO A 251 1.72 -0.68 14.30
C PRO A 251 2.52 -1.74 15.06
N GLY A 252 3.81 -1.82 14.79
CA GLY A 252 4.67 -2.79 15.44
C GLY A 252 4.74 -4.13 14.72
N SER A 253 4.29 -4.30 13.48
CA SER A 253 4.47 -5.57 12.79
C SER A 253 4.29 -5.34 11.30
N LEU A 254 5.29 -5.86 10.60
CA LEU A 254 5.34 -5.78 9.16
C LEU A 254 4.20 -6.56 8.53
N GLY A 255 3.67 -7.63 9.15
CA GLY A 255 2.58 -8.39 8.55
C GLY A 255 1.25 -7.68 8.65
N LEU A 256 1.14 -6.49 9.28
CA LEU A 256 -0.13 -5.77 9.40
C LEU A 256 -0.33 -4.74 8.31
N LEU A 257 0.64 -4.53 7.42
CA LEU A 257 0.63 -3.41 6.49
C LEU A 257 0.20 -3.64 5.03
N PRO A 258 -0.97 -3.13 4.56
CA PRO A 258 -1.39 -3.21 3.17
C PRO A 258 -0.94 -2.01 2.37
N SER A 259 -0.85 -2.07 1.04
CA SER A 259 -0.60 -0.90 0.24
C SER A 259 -1.41 -0.98 -1.05
N ALA A 260 -1.52 0.14 -1.76
CA ALA A 260 -2.26 0.21 -3.01
C ALA A 260 -1.54 1.19 -3.90
N SER A 261 -1.50 0.94 -5.21
CA SER A 261 -0.96 1.92 -6.15
C SER A 261 -2.08 2.16 -7.16
N LEU A 262 -2.60 3.39 -7.14
CA LEU A 262 -3.67 3.80 -8.01
C LEU A 262 -3.08 4.67 -9.10
N GLY A 263 -3.69 4.68 -10.28
CA GLY A 263 -3.17 5.50 -11.38
C GLY A 263 -4.06 5.53 -12.59
N ARG A 264 -3.52 5.56 -13.80
CA ARG A 264 -4.38 5.55 -14.97
C ARG A 264 -4.82 4.16 -15.34
N GLY A 265 -3.91 3.21 -15.33
CA GLY A 265 -4.19 1.82 -15.62
C GLY A 265 -4.92 1.04 -14.50
N THR A 266 -4.57 -0.26 -14.45
CA THR A 266 -5.13 -1.20 -13.48
C THR A 266 -4.42 -1.04 -12.13
N PRO A 267 -5.12 -0.72 -11.03
CA PRO A 267 -4.54 -0.53 -9.71
C PRO A 267 -3.97 -1.79 -9.10
N VAL A 268 -2.76 -1.79 -8.49
CA VAL A 268 -2.24 -3.00 -7.86
C VAL A 268 -2.42 -2.87 -6.34
N PHE A 269 -2.83 -3.94 -5.66
CA PHE A 269 -3.01 -3.97 -4.22
C PHE A 269 -2.07 -5.03 -3.68
N GLU A 270 -1.27 -4.70 -2.67
CA GLU A 270 -0.25 -5.63 -2.20
C GLU A 270 0.18 -5.43 -0.77
N PRO A 271 0.67 -6.44 -0.05
CA PRO A 271 1.29 -6.28 1.25
C PRO A 271 2.60 -5.51 1.20
N VAL A 272 2.91 -4.60 2.16
CA VAL A 272 4.19 -3.92 2.20
C VAL A 272 5.33 -4.92 2.31
N HIS A 273 5.16 -6.04 3.03
CA HIS A 273 6.18 -7.08 3.22
C HIS A 273 6.61 -7.77 1.94
N GLY A 274 7.74 -8.46 2.01
CA GLY A 274 8.26 -9.18 0.87
C GLY A 274 7.92 -10.66 0.92
N SER A 275 8.78 -11.45 0.25
CA SER A 275 8.50 -12.88 0.06
C SER A 275 8.89 -13.75 1.23
N ALA A 276 9.61 -13.18 2.21
CA ALA A 276 10.01 -13.84 3.45
C ALA A 276 10.41 -15.32 3.32
N PRO A 277 11.53 -15.63 2.66
CA PRO A 277 11.97 -16.98 2.32
C PRO A 277 12.20 -17.85 3.56
N ASP A 278 12.60 -17.20 4.64
CA ASP A 278 12.87 -17.86 5.89
C ASP A 278 11.66 -18.48 6.50
N ILE A 279 10.45 -17.96 6.33
CA ILE A 279 9.31 -18.62 6.95
C ILE A 279 8.38 -19.28 5.94
N ALA A 280 8.72 -19.15 4.64
CA ALA A 280 7.93 -19.75 3.57
C ALA A 280 7.81 -21.26 3.73
N GLY A 281 6.60 -21.72 3.40
CA GLY A 281 6.18 -23.09 3.53
C GLY A 281 5.94 -23.57 4.97
N LYS A 282 6.33 -22.80 6.00
CA LYS A 282 6.10 -23.19 7.38
C LYS A 282 4.68 -22.99 7.88
N GLY A 283 3.74 -22.55 7.03
CA GLY A 283 2.36 -22.33 7.42
C GLY A 283 2.14 -21.39 8.60
N ILE A 284 2.99 -20.38 8.78
CA ILE A 284 2.84 -19.46 9.88
C ILE A 284 2.78 -17.98 9.53
N ALA A 285 3.08 -17.61 8.26
CA ALA A 285 3.01 -16.23 7.76
C ALA A 285 1.68 -15.56 8.06
N ASN A 286 1.76 -14.30 8.53
CA ASN A 286 0.59 -13.54 8.92
C ASN A 286 -0.09 -13.04 7.68
N PRO A 287 -1.30 -13.48 7.33
CA PRO A 287 -2.02 -13.06 6.13
C PRO A 287 -2.73 -11.69 6.22
N THR A 288 -2.63 -10.96 7.37
CA THR A 288 -3.35 -9.72 7.57
C THR A 288 -3.03 -8.67 6.54
N ALA A 289 -1.77 -8.50 6.15
CA ALA A 289 -1.46 -7.48 5.19
C ALA A 289 -2.15 -7.76 3.85
N ALA A 290 -2.25 -9.04 3.45
CA ALA A 290 -2.86 -9.46 2.20
C ALA A 290 -4.36 -9.33 2.24
N ILE A 291 -5.00 -9.70 3.35
CA ILE A 291 -6.43 -9.61 3.50
C ILE A 291 -6.84 -8.14 3.53
N LEU A 292 -6.06 -7.27 4.16
CA LEU A 292 -6.36 -5.86 4.19
C LEU A 292 -6.06 -5.18 2.85
N SER A 293 -5.18 -5.75 2.00
CA SER A 293 -4.97 -5.30 0.64
C SER A 293 -6.18 -5.59 -0.26
N ALA A 294 -6.82 -6.74 0.00
CA ALA A 294 -8.03 -7.18 -0.68
C ALA A 294 -9.16 -6.28 -0.22
N ALA A 295 -9.22 -5.90 1.06
CA ALA A 295 -10.19 -4.94 1.53
C ALA A 295 -9.92 -3.59 0.85
N MET A 296 -8.65 -3.19 0.66
CA MET A 296 -8.34 -1.92 0.02
C MET A 296 -8.78 -1.95 -1.43
N MET A 297 -8.81 -3.14 -2.04
CA MET A 297 -9.27 -3.33 -3.41
C MET A 297 -10.77 -3.12 -3.46
N LEU A 298 -11.50 -3.69 -2.51
CA LEU A 298 -12.93 -3.48 -2.45
C LEU A 298 -13.24 -1.99 -2.33
N GLU A 299 -12.48 -1.25 -1.53
CA GLU A 299 -12.74 0.14 -1.34
C GLU A 299 -12.28 1.05 -2.45
N HIS A 300 -11.06 0.89 -2.98
CA HIS A 300 -10.51 1.83 -3.93
C HIS A 300 -10.68 1.39 -5.34
N ALA A 301 -10.68 0.10 -5.63
CA ALA A 301 -10.93 -0.30 -7.00
C ALA A 301 -12.43 -0.47 -7.27
N PHE A 302 -13.28 -0.87 -6.33
CA PHE A 302 -14.67 -1.13 -6.66
C PHE A 302 -15.63 -0.30 -5.85
N GLY A 303 -15.14 0.70 -5.11
CA GLY A 303 -16.00 1.59 -4.33
C GLY A 303 -16.85 0.96 -3.25
N LEU A 304 -16.67 -0.33 -2.97
CA LEU A 304 -17.38 -1.09 -1.94
C LEU A 304 -16.86 -0.79 -0.54
N VAL A 305 -17.05 0.42 -0.04
CA VAL A 305 -16.53 0.82 1.26
C VAL A 305 -17.10 0.10 2.48
N GLU A 306 -18.39 -0.20 2.62
CA GLU A 306 -18.87 -0.85 3.83
C GLU A 306 -18.44 -2.30 3.94
N LEU A 307 -18.18 -2.91 2.79
CA LEU A 307 -17.68 -4.28 2.72
C LEU A 307 -16.19 -4.32 3.05
N ALA A 308 -15.43 -3.28 2.64
CA ALA A 308 -14.02 -3.10 2.95
C ALA A 308 -13.83 -2.95 4.47
N ARG A 309 -14.76 -2.23 5.09
CA ARG A 309 -14.74 -1.98 6.52
C ARG A 309 -15.19 -3.17 7.35
N LYS A 310 -16.00 -4.03 6.74
CA LYS A 310 -16.53 -5.24 7.33
C LYS A 310 -15.33 -6.19 7.44
N VAL A 311 -14.57 -6.34 6.34
CA VAL A 311 -13.35 -7.12 6.34
C VAL A 311 -12.32 -6.59 7.36
N GLU A 312 -12.20 -5.28 7.56
CA GLU A 312 -11.25 -4.74 8.51
C GLU A 312 -11.65 -5.04 9.93
N ASP A 313 -12.95 -5.03 10.24
CA ASP A 313 -13.42 -5.37 11.58
C ASP A 313 -13.20 -6.84 11.89
N ALA A 314 -13.48 -7.70 10.90
CA ALA A 314 -13.33 -9.13 11.07
C ALA A 314 -11.86 -9.37 11.33
N VAL A 315 -10.95 -8.72 10.59
CA VAL A 315 -9.51 -8.86 10.81
C VAL A 315 -9.12 -8.31 12.18
N ALA A 316 -9.73 -7.21 12.64
CA ALA A 316 -9.45 -6.66 13.95
C ALA A 316 -9.84 -7.57 15.11
N LYS A 317 -10.95 -8.30 14.96
CA LYS A 317 -11.40 -9.25 15.98
C LYS A 317 -10.53 -10.52 15.98
N ALA A 318 -10.14 -10.96 14.78
CA ALA A 318 -9.29 -12.13 14.61
C ALA A 318 -7.93 -11.92 15.26
N LEU A 319 -7.31 -10.74 15.09
CA LEU A 319 -6.03 -10.41 15.67
C LEU A 319 -6.05 -10.43 17.20
N LEU A 320 -7.22 -10.13 17.78
CA LEU A 320 -7.38 -10.28 19.21
C LEU A 320 -7.74 -11.69 19.64
N GLU A 321 -8.45 -12.49 18.83
CA GLU A 321 -8.89 -13.80 19.24
C GLU A 321 -7.80 -14.85 19.04
N THR A 322 -7.23 -14.92 17.85
CA THR A 322 -6.16 -15.85 17.59
C THR A 322 -5.01 -15.15 16.87
N PRO A 323 -4.14 -14.42 17.57
CA PRO A 323 -3.02 -13.71 16.95
C PRO A 323 -1.96 -14.61 16.33
N PRO A 324 -1.42 -14.25 15.14
CA PRO A 324 -0.36 -14.97 14.49
C PRO A 324 0.90 -15.02 15.34
N PRO A 325 1.90 -15.85 15.05
CA PRO A 325 3.15 -15.91 15.82
C PRO A 325 3.95 -14.60 15.97
N ASP A 326 3.89 -13.77 14.92
CA ASP A 326 4.57 -12.49 14.87
C ASP A 326 3.93 -11.39 15.71
N LEU A 327 2.75 -11.65 16.29
CA LEU A 327 2.19 -10.74 17.24
C LEU A 327 2.20 -11.49 18.56
N GLY A 328 3.07 -12.46 18.73
CA GLY A 328 3.13 -13.21 19.97
C GLY A 328 2.13 -14.34 20.14
N GLY A 329 1.17 -14.59 19.23
CA GLY A 329 0.28 -15.72 19.38
C GLY A 329 0.86 -17.00 18.74
N SER A 330 -0.03 -17.95 18.48
CA SER A 330 0.32 -19.25 17.95
C SER A 330 -0.46 -19.62 16.71
N ALA A 331 -1.35 -18.75 16.24
CA ALA A 331 -2.17 -19.10 15.10
C ALA A 331 -1.46 -19.07 13.74
N GLY A 332 -1.45 -20.20 13.03
CA GLY A 332 -0.85 -20.28 11.71
C GLY A 332 -1.74 -19.59 10.68
N THR A 333 -1.29 -19.54 9.42
CA THR A 333 -2.00 -18.80 8.39
C THR A 333 -3.41 -19.34 8.23
N GLU A 334 -3.59 -20.66 8.24
CA GLU A 334 -4.91 -21.26 8.11
C GLU A 334 -5.83 -21.07 9.29
N ALA A 335 -5.33 -21.32 10.52
CA ALA A 335 -6.11 -21.14 11.72
C ALA A 335 -6.55 -19.68 11.86
N PHE A 336 -5.66 -18.73 11.49
CA PHE A 336 -5.98 -17.33 11.57
C PHE A 336 -6.99 -16.93 10.49
N THR A 337 -6.84 -17.32 9.21
CA THR A 337 -7.80 -16.96 8.16
C THR A 337 -9.19 -17.45 8.57
N ALA A 338 -9.28 -18.63 9.19
CA ALA A 338 -10.56 -19.16 9.65
C ALA A 338 -11.22 -18.34 10.73
N THR A 339 -10.45 -17.66 11.59
CA THR A 339 -11.03 -16.79 12.61
C THR A 339 -11.62 -15.55 11.95
N VAL A 340 -10.93 -15.09 10.89
CA VAL A 340 -11.40 -13.94 10.12
C VAL A 340 -12.76 -14.32 9.52
N LEU A 341 -12.85 -15.46 8.81
CA LEU A 341 -14.08 -15.87 8.12
C LEU A 341 -15.22 -16.09 9.12
N ARG A 342 -14.88 -16.48 10.34
CA ARG A 342 -15.86 -16.71 11.39
C ARG A 342 -16.47 -15.36 11.73
N HIS A 343 -15.66 -14.31 11.70
CA HIS A 343 -16.16 -12.99 11.97
C HIS A 343 -16.75 -12.32 10.75
N LEU A 344 -16.66 -12.90 9.55
CA LEU A 344 -17.40 -12.32 8.45
C LEU A 344 -18.82 -12.86 8.50
N ALA A 345 -18.96 -14.20 8.66
CA ALA A 345 -20.26 -14.85 8.75
C ALA A 345 -21.15 -14.22 9.83
#